data_4ZSI
#
_entry.id   4ZSI
#
_cell.length_a   54.267
_cell.length_b   54.267
_cell.length_c   220.913
_cell.angle_alpha   90.00
_cell.angle_beta   90.00
_cell.angle_gamma   120.00
#
_symmetry.space_group_name_H-M   'P 32 2 1'
#
loop_
_entity.id
_entity.type
_entity.pdbx_description
1 polymer 'HTH-type transcriptional repressor DasR'
2 non-polymer 2-amino-2-deoxy-6-O-phosphono-alpha-D-glucopyranose
3 non-polymer 1,2-ETHANEDIOL
4 non-polymer 2-amino-2-deoxy-6-O-phosphono-beta-D-glucopyranose
5 water water
#
_entity_poly.entity_id   1
_entity_poly.type   'polypeptide(L)'
_entity_poly.pdbx_seq_one_letter_code
;GSHMKVSQALQLTSYTEDMRAQGLEPTSQLLDIGYITADDRLAGLLDITAGGRVLRIERLRMANGEPMAIETTHLSAKRF
PALRRSLVKYTSLYTALAEVYDVHLAEAEETIETSLATPREAGLLGTDVGLPMLMLSRHSQDRTGQPVEWVRSVYRGDRY
KFVARLKRPQD
;
_entity_poly.pdbx_strand_id   A,B
#
# COMPACT_ATOMS: atom_id res chain seq x y z
N MET A 4 -4.41 -5.78 -16.64
CA MET A 4 -5.78 -6.12 -16.28
C MET A 4 -6.13 -5.64 -14.87
N LYS A 5 -5.24 -4.83 -14.30
CA LYS A 5 -5.48 -4.32 -12.95
C LYS A 5 -5.87 -2.86 -12.99
N VAL A 6 -6.81 -2.48 -12.15
CA VAL A 6 -7.06 -1.08 -11.92
C VAL A 6 -5.86 -0.51 -11.15
N SER A 7 -5.35 0.62 -11.60
CA SER A 7 -4.33 1.37 -10.87
C SER A 7 -5.01 2.46 -10.06
N GLN A 8 -5.07 2.28 -8.74
CA GLN A 8 -5.78 3.22 -7.89
C GLN A 8 -4.85 4.11 -7.11
N ALA A 9 -4.97 5.42 -7.34
CA ALA A 9 -4.26 6.40 -6.53
C ALA A 9 -4.69 6.31 -5.07
N LEU A 10 -3.71 6.36 -4.18
CA LEU A 10 -3.98 6.44 -2.75
C LEU A 10 -4.35 7.86 -2.34
N GLN A 11 -5.64 8.06 -2.05
CA GLN A 11 -6.13 9.36 -1.66
C GLN A 11 -7.43 9.20 -0.89
N LEU A 12 -7.86 10.27 -0.22
CA LEU A 12 -9.06 10.21 0.60
C LEU A 12 -10.28 10.45 -0.26
N THR A 13 -10.69 9.40 -0.97
CA THR A 13 -11.80 9.45 -1.89
C THR A 13 -12.72 8.24 -1.66
N SER A 14 -13.94 8.33 -2.16
CA SER A 14 -14.88 7.24 -2.05
C SER A 14 -14.70 6.22 -3.17
N TYR A 15 -15.21 5.02 -2.96
CA TYR A 15 -15.26 4.01 -4.01
C TYR A 15 -15.99 4.54 -5.22
N THR A 16 -17.07 5.26 -4.98
CA THR A 16 -17.86 5.84 -6.06
C THR A 16 -17.00 6.81 -6.88
N GLU A 17 -16.26 7.68 -6.19
CA GLU A 17 -15.36 8.61 -6.86
C GLU A 17 -14.25 7.87 -7.59
N ASP A 18 -13.72 6.85 -6.95
CA ASP A 18 -12.61 6.09 -7.50
C ASP A 18 -13.00 5.40 -8.79
N MET A 19 -14.19 4.82 -8.82
CA MET A 19 -14.63 4.11 -10.02
C MET A 19 -14.97 5.07 -11.15
N ARG A 20 -15.53 6.23 -10.81
CA ARG A 20 -15.81 7.23 -11.84
C ARG A 20 -14.51 7.73 -12.48
N ALA A 21 -13.46 7.82 -11.68
CA ALA A 21 -12.15 8.19 -12.18
C ALA A 21 -11.60 7.17 -13.17
N GLN A 22 -12.00 5.91 -12.99
CA GLN A 22 -11.56 4.81 -13.87
C GLN A 22 -12.45 4.65 -15.08
N GLY A 23 -13.53 5.43 -15.13
CA GLY A 23 -14.51 5.28 -16.20
C GLY A 23 -15.30 3.99 -16.09
N LEU A 24 -15.43 3.48 -14.86
CA LEU A 24 -16.21 2.28 -14.59
C LEU A 24 -17.47 2.65 -13.81
N GLU A 25 -18.52 1.85 -13.94
CA GLU A 25 -19.73 2.09 -13.18
C GLU A 25 -19.71 1.36 -11.85
N PRO A 26 -19.78 2.11 -10.74
CA PRO A 26 -19.82 1.48 -9.42
C PRO A 26 -21.22 1.04 -9.01
N THR A 27 -21.35 -0.20 -8.57
CA THR A 27 -22.57 -0.65 -7.92
C THR A 27 -22.21 -1.36 -6.64
N SER A 28 -23.21 -1.64 -5.81
CA SER A 28 -22.99 -2.31 -4.55
C SER A 28 -24.08 -3.31 -4.27
N GLN A 29 -23.71 -4.36 -3.54
CA GLN A 29 -24.67 -5.28 -2.99
C GLN A 29 -24.54 -5.17 -1.48
N LEU A 30 -25.63 -4.84 -0.80
CA LEU A 30 -25.59 -4.80 0.65
C LEU A 30 -25.54 -6.23 1.15
N LEU A 31 -24.48 -6.57 1.87
CA LEU A 31 -24.29 -7.92 2.38
C LEU A 31 -24.85 -8.07 3.79
N ASP A 32 -24.62 -7.07 4.63
CA ASP A 32 -25.09 -7.07 6.01
C ASP A 32 -25.02 -5.65 6.55
N ILE A 33 -26.03 -5.26 7.33
CA ILE A 33 -26.03 -3.94 7.95
C ILE A 33 -26.77 -4.03 9.28
N GLY A 34 -26.23 -3.37 10.29
CA GLY A 34 -26.84 -3.42 11.61
C GLY A 34 -25.91 -2.87 12.67
N TYR A 35 -26.34 -2.99 13.92
CA TYR A 35 -25.62 -2.42 15.04
C TYR A 35 -24.93 -3.48 15.88
N ILE A 36 -23.72 -3.14 16.34
CA ILE A 36 -22.96 -3.98 17.24
C ILE A 36 -22.49 -3.13 18.39
N THR A 37 -22.05 -3.78 19.47
CA THR A 37 -21.51 -3.03 20.60
C THR A 37 -20.02 -3.00 20.47
N ALA A 38 -19.45 -1.82 20.66
CA ALA A 38 -18.02 -1.63 20.50
C ALA A 38 -17.24 -2.26 21.64
N ASP A 39 -16.20 -2.99 21.29
CA ASP A 39 -15.22 -3.44 22.27
C ASP A 39 -14.25 -2.28 22.49
N ASP A 40 -13.23 -2.46 23.32
CA ASP A 40 -12.32 -1.38 23.61
C ASP A 40 -11.61 -0.87 22.37
N ARG A 41 -11.21 -1.79 21.50
CA ARG A 41 -10.49 -1.42 20.28
C ARG A 41 -11.31 -0.49 19.41
N LEU A 42 -12.53 -0.91 19.11
CA LEU A 42 -13.39 -0.17 18.21
C LEU A 42 -13.83 1.13 18.87
N ALA A 43 -14.10 1.08 20.17
CA ALA A 43 -14.50 2.29 20.88
C ALA A 43 -13.40 3.35 20.78
N GLY A 44 -12.16 2.91 20.89
CA GLY A 44 -11.05 3.84 20.79
C GLY A 44 -10.96 4.46 19.41
N LEU A 45 -11.19 3.63 18.39
CA LEU A 45 -11.09 4.09 17.01
C LEU A 45 -12.19 5.08 16.66
N LEU A 46 -13.35 4.96 17.30
CA LEU A 46 -14.45 5.87 16.99
C LEU A 46 -14.70 6.95 18.06
N ASP A 47 -13.79 7.03 19.03
CA ASP A 47 -13.91 7.94 20.17
CA ASP A 47 -13.92 7.94 20.16
C ASP A 47 -15.29 7.85 20.81
N ILE A 48 -15.72 6.64 21.12
CA ILE A 48 -16.96 6.43 21.84
C ILE A 48 -16.65 5.64 23.10
N THR A 49 -17.60 5.56 24.01
CA THR A 49 -17.42 4.77 25.21
C THR A 49 -17.51 3.28 24.86
N ALA A 50 -16.71 2.46 25.53
CA ALA A 50 -16.79 1.01 25.35
C ALA A 50 -18.21 0.57 25.64
N GLY A 51 -18.72 -0.35 24.83
CA GLY A 51 -20.11 -0.76 24.90
C GLY A 51 -21.02 0.10 24.05
N GLY A 52 -20.47 1.15 23.46
CA GLY A 52 -21.23 2.07 22.63
C GLY A 52 -21.66 1.42 21.34
N ARG A 53 -22.73 1.94 20.74
CA ARG A 53 -23.33 1.29 19.60
C ARG A 53 -22.68 1.73 18.30
N VAL A 54 -22.40 0.75 17.44
CA VAL A 54 -21.69 0.98 16.18
C VAL A 54 -22.52 0.49 15.00
N LEU A 55 -22.71 1.35 14.00
CA LEU A 55 -23.31 0.96 12.73
C LEU A 55 -22.24 0.26 11.92
N ARG A 56 -22.50 -1.00 11.57
CA ARG A 56 -21.58 -1.76 10.73
C ARG A 56 -22.25 -2.06 9.40
N ILE A 57 -21.58 -1.67 8.31
CA ILE A 57 -22.09 -1.75 6.95
C ILE A 57 -21.16 -2.62 6.12
N GLU A 58 -21.64 -3.77 5.66
CA GLU A 58 -20.80 -4.63 4.85
C GLU A 58 -21.34 -4.67 3.44
N ARG A 59 -20.50 -4.29 2.47
CA ARG A 59 -20.94 -4.17 1.09
C ARG A 59 -19.99 -4.84 0.13
N LEU A 60 -20.56 -5.50 -0.87
CA LEU A 60 -19.77 -5.95 -2.01
C LEU A 60 -19.77 -4.81 -3.01
N ARG A 61 -18.58 -4.34 -3.37
CA ARG A 61 -18.44 -3.28 -4.36
C ARG A 61 -18.07 -3.89 -5.72
N MET A 62 -18.82 -3.51 -6.75
CA MET A 62 -18.61 -4.01 -8.10
C MET A 62 -18.25 -2.89 -9.07
N ALA A 63 -17.60 -3.25 -10.17
CA ALA A 63 -17.30 -2.31 -11.24
C ALA A 63 -17.78 -2.92 -12.55
N ASN A 64 -18.70 -2.23 -13.23
CA ASN A 64 -19.38 -2.80 -14.40
C ASN A 64 -19.90 -4.20 -14.12
N GLY A 65 -20.43 -4.40 -12.92
CA GLY A 65 -21.02 -5.67 -12.54
C GLY A 65 -20.09 -6.73 -11.96
N GLU A 66 -18.78 -6.53 -12.10
CA GLU A 66 -17.79 -7.50 -11.63
C GLU A 66 -17.36 -7.21 -10.20
N PRO A 67 -17.35 -8.24 -9.32
CA PRO A 67 -16.91 -8.01 -7.95
C PRO A 67 -15.48 -7.45 -7.90
N MET A 68 -15.28 -6.45 -7.05
CA MET A 68 -13.97 -5.83 -6.90
C MET A 68 -13.45 -5.94 -5.48
N ALA A 69 -14.33 -5.66 -4.53
CA ALA A 69 -13.93 -5.55 -3.14
C ALA A 69 -15.10 -5.82 -2.20
N ILE A 70 -14.80 -6.20 -0.97
CA ILE A 70 -15.80 -6.28 0.08
C ILE A 70 -15.31 -5.32 1.16
N GLU A 71 -16.16 -4.36 1.51
CA GLU A 71 -15.82 -3.33 2.50
C GLU A 71 -16.70 -3.44 3.72
N THR A 72 -16.10 -3.36 4.90
CA THR A 72 -16.90 -3.37 6.12
C THR A 72 -16.56 -2.11 6.92
N THR A 73 -17.50 -1.15 6.93
CA THR A 73 -17.22 0.13 7.56
C THR A 73 -18.00 0.24 8.86
N HIS A 74 -17.41 0.98 9.80
CA HIS A 74 -17.94 1.11 11.16
C HIS A 74 -18.06 2.58 11.50
N LEU A 75 -19.23 3.00 11.96
CA LEU A 75 -19.43 4.40 12.39
C LEU A 75 -20.18 4.45 13.71
N SER A 76 -20.08 5.58 14.40
CA SER A 76 -20.82 5.73 15.65
C SER A 76 -22.33 5.83 15.42
N ALA A 77 -23.10 4.92 16.01
CA ALA A 77 -24.55 4.97 15.82
C ALA A 77 -25.16 6.17 16.54
N LYS A 78 -24.52 6.58 17.64
CA LYS A 78 -25.04 7.70 18.42
C LYS A 78 -24.89 9.00 17.63
N ARG A 79 -23.76 9.14 16.95
CA ARG A 79 -23.53 10.33 16.16
C ARG A 79 -24.37 10.35 14.89
N PHE A 80 -24.58 9.17 14.30
CA PHE A 80 -25.27 9.06 13.02
C PHE A 80 -26.46 8.09 13.05
N PRO A 81 -27.48 8.42 13.86
CA PRO A 81 -28.56 7.45 14.09
C PRO A 81 -29.46 7.21 12.88
N ALA A 82 -29.49 8.12 11.91
CA ALA A 82 -30.32 7.93 10.71
C ALA A 82 -29.52 7.46 9.50
N LEU A 83 -28.23 7.20 9.69
CA LEU A 83 -27.38 6.83 8.57
C LEU A 83 -27.76 5.48 7.98
N ARG A 84 -28.10 4.52 8.85
CA ARG A 84 -28.47 3.17 8.39
C ARG A 84 -29.61 3.26 7.38
N ARG A 85 -30.69 3.94 7.75
CA ARG A 85 -31.81 4.15 6.85
C ARG A 85 -31.45 5.01 5.64
N SER A 86 -30.57 5.99 5.82
CA SER A 86 -30.19 6.87 4.71
C SER A 86 -29.47 6.16 3.57
N LEU A 87 -28.89 5.00 3.86
CA LEU A 87 -28.23 4.20 2.82
C LEU A 87 -29.23 3.47 1.92
N VAL A 88 -30.51 3.58 2.23
CA VAL A 88 -31.55 3.13 1.30
C VAL A 88 -31.64 4.16 0.19
N LYS A 89 -31.26 5.40 0.50
CA LYS A 89 -31.40 6.52 -0.42
C LYS A 89 -30.09 6.79 -1.17
N TYR A 90 -28.98 6.71 -0.46
CA TYR A 90 -27.66 6.96 -1.04
C TYR A 90 -26.94 5.66 -1.35
N THR A 91 -26.28 5.63 -2.50
CA THR A 91 -25.38 4.53 -2.81
C THR A 91 -23.98 4.82 -2.28
N SER A 92 -23.64 6.10 -2.15
CA SER A 92 -22.34 6.49 -1.59
C SER A 92 -22.44 6.90 -0.12
N LEU A 93 -21.71 6.19 0.73
CA LEU A 93 -21.61 6.54 2.14
C LEU A 93 -21.06 7.94 2.33
N TYR A 94 -20.05 8.30 1.55
CA TYR A 94 -19.45 9.62 1.76
C TYR A 94 -20.42 10.71 1.34
N THR A 95 -21.22 10.44 0.31
CA THR A 95 -22.23 11.41 -0.09
C THR A 95 -23.29 11.55 0.99
N ALA A 96 -23.71 10.42 1.55
CA ALA A 96 -24.71 10.39 2.61
C ALA A 96 -24.22 11.22 3.79
N LEU A 97 -22.97 11.03 4.18
CA LEU A 97 -22.41 11.77 5.32
C LEU A 97 -22.44 13.28 5.08
N ALA A 98 -22.07 13.69 3.86
CA ALA A 98 -22.03 15.10 3.53
C ALA A 98 -23.41 15.72 3.50
N GLU A 99 -24.35 15.03 2.86
CA GLU A 99 -25.66 15.61 2.60
C GLU A 99 -26.57 15.53 3.81
N VAL A 100 -26.50 14.42 4.54
CA VAL A 100 -27.39 14.23 5.69
C VAL A 100 -26.86 14.90 6.95
N TYR A 101 -25.54 14.85 7.14
CA TYR A 101 -24.96 15.30 8.42
C TYR A 101 -23.92 16.41 8.28
N ASP A 102 -23.70 16.88 7.06
CA ASP A 102 -22.69 17.91 6.77
C ASP A 102 -21.32 17.52 7.33
N VAL A 103 -21.00 16.24 7.21
CA VAL A 103 -19.72 15.74 7.63
C VAL A 103 -18.82 15.51 6.43
N HIS A 104 -17.59 16.00 6.51
CA HIS A 104 -16.65 15.92 5.41
C HIS A 104 -15.31 15.42 5.90
N LEU A 105 -14.80 14.38 5.25
CA LEU A 105 -13.55 13.77 5.69
C LEU A 105 -12.36 14.62 5.26
N ALA A 106 -11.39 14.75 6.15
CA ALA A 106 -10.24 15.62 5.92
C ALA A 106 -8.91 14.87 5.89
N GLU A 107 -8.79 13.86 6.74
CA GLU A 107 -7.55 13.11 6.91
C GLU A 107 -7.86 11.66 7.22
N ALA A 108 -6.98 10.77 6.78
CA ALA A 108 -7.16 9.37 7.11
C ALA A 108 -5.83 8.64 7.13
N GLU A 109 -5.77 7.59 7.92
CA GLU A 109 -4.66 6.67 7.86
C GLU A 109 -5.14 5.42 7.17
N GLU A 110 -4.41 4.99 6.14
CA GLU A 110 -4.78 3.77 5.44
C GLU A 110 -3.66 2.75 5.56
N THR A 111 -4.01 1.48 5.77
CA THR A 111 -3.01 0.42 5.81
C THR A 111 -3.29 -0.56 4.70
N ILE A 112 -2.22 -1.06 4.08
CA ILE A 112 -2.31 -2.08 3.04
C ILE A 112 -1.49 -3.31 3.43
N GLU A 113 -2.14 -4.47 3.43
CA GLU A 113 -1.50 -5.75 3.76
C GLU A 113 -1.94 -6.77 2.73
N THR A 114 -1.31 -7.93 2.72
CA THR A 114 -1.84 -9.01 1.90
C THR A 114 -1.94 -10.32 2.69
N SER A 115 -3.06 -11.00 2.48
CA SER A 115 -3.27 -12.33 3.03
C SER A 115 -4.42 -12.97 2.26
N LEU A 116 -4.96 -14.07 2.78
CA LEU A 116 -5.98 -14.80 2.04
C LEU A 116 -7.41 -14.51 2.51
N ALA A 117 -8.33 -14.64 1.57
CA ALA A 117 -9.74 -14.46 1.85
C ALA A 117 -10.31 -15.61 2.67
N THR A 118 -11.43 -15.32 3.33
CA THR A 118 -12.22 -16.39 3.92
C THR A 118 -12.94 -17.11 2.79
N PRO A 119 -13.39 -18.34 3.05
CA PRO A 119 -14.19 -19.04 2.04
C PRO A 119 -15.36 -18.21 1.49
N ARG A 120 -16.08 -17.53 2.38
CA ARG A 120 -17.21 -16.72 1.98
C ARG A 120 -16.79 -15.53 1.12
N GLU A 121 -15.72 -14.84 1.52
CA GLU A 121 -15.22 -13.72 0.73
C GLU A 121 -14.81 -14.18 -0.68
N ALA A 122 -14.12 -15.31 -0.75
CA ALA A 122 -13.65 -15.84 -2.03
C ALA A 122 -14.84 -16.15 -2.92
N GLY A 123 -15.87 -16.75 -2.33
CA GLY A 123 -17.10 -17.04 -3.06
C GLY A 123 -17.75 -15.79 -3.64
N LEU A 124 -17.87 -14.77 -2.80
CA LEU A 124 -18.47 -13.49 -3.19
C LEU A 124 -17.66 -12.74 -4.26
N LEU A 125 -16.34 -12.81 -4.17
CA LEU A 125 -15.50 -12.05 -5.09
C LEU A 125 -15.23 -12.85 -6.37
N GLY A 126 -15.56 -14.13 -6.33
CA GLY A 126 -15.35 -15.00 -7.49
C GLY A 126 -13.89 -15.36 -7.73
N THR A 127 -13.12 -15.40 -6.65
CA THR A 127 -11.69 -15.69 -6.72
C THR A 127 -11.37 -17.02 -6.07
N ASP A 128 -10.26 -17.62 -6.48
CA ASP A 128 -9.80 -18.85 -5.83
C ASP A 128 -9.38 -18.48 -4.41
N VAL A 129 -9.66 -19.35 -3.44
CA VAL A 129 -9.39 -19.00 -2.05
C VAL A 129 -7.88 -18.88 -1.77
N GLY A 130 -7.06 -19.44 -2.65
CA GLY A 130 -5.61 -19.31 -2.51
C GLY A 130 -5.02 -18.06 -3.12
N LEU A 131 -5.88 -17.19 -3.68
CA LEU A 131 -5.38 -15.97 -4.31
C LEU A 131 -5.01 -14.93 -3.27
N PRO A 132 -3.79 -14.41 -3.34
CA PRO A 132 -3.44 -13.28 -2.45
C PRO A 132 -4.37 -12.09 -2.68
N MET A 133 -4.80 -11.48 -1.58
CA MET A 133 -5.74 -10.37 -1.67
C MET A 133 -5.10 -9.17 -1.00
N LEU A 134 -5.64 -8.00 -1.28
CA LEU A 134 -5.16 -6.78 -0.65
C LEU A 134 -6.11 -6.40 0.48
N MET A 135 -5.60 -6.48 1.70
CA MET A 135 -6.41 -6.26 2.88
C MET A 135 -6.14 -4.83 3.32
N LEU A 136 -7.15 -3.96 3.24
CA LEU A 136 -6.98 -2.56 3.55
C LEU A 136 -7.73 -2.18 4.81
N SER A 137 -7.19 -1.21 5.53
CA SER A 137 -7.98 -0.59 6.58
C SER A 137 -7.90 0.90 6.39
N ARG A 138 -8.97 1.61 6.73
CA ARG A 138 -8.93 3.06 6.64
C ARG A 138 -9.56 3.65 7.88
N HIS A 139 -8.86 4.60 8.49
CA HIS A 139 -9.35 5.28 9.68
C HIS A 139 -9.45 6.75 9.34
N SER A 140 -10.68 7.26 9.24
CA SER A 140 -10.88 8.60 8.68
C SER A 140 -11.41 9.57 9.70
N GLN A 141 -10.90 10.80 9.67
CA GLN A 141 -11.46 11.84 10.53
C GLN A 141 -11.98 13.02 9.73
N ASP A 142 -12.91 13.75 10.33
CA ASP A 142 -13.57 14.83 9.63
C ASP A 142 -12.85 16.16 9.87
N ARG A 143 -13.43 17.24 9.39
CA ARG A 143 -12.78 18.54 9.46
C ARG A 143 -12.70 19.09 10.87
N THR A 144 -13.46 18.49 11.79
CA THR A 144 -13.38 18.92 13.18
C THR A 144 -12.43 18.02 13.97
N GLY A 145 -11.77 17.09 13.28
CA GLY A 145 -10.83 16.20 13.92
C GLY A 145 -11.44 14.99 14.62
N GLN A 146 -12.73 14.76 14.40
CA GLN A 146 -13.40 13.61 15.00
C GLN A 146 -13.29 12.41 14.07
N PRO A 147 -13.04 11.22 14.64
CA PRO A 147 -13.00 10.03 13.78
C PRO A 147 -14.41 9.74 13.30
N VAL A 148 -14.55 9.42 12.01
CA VAL A 148 -15.86 9.18 11.44
C VAL A 148 -16.07 7.72 11.11
N GLU A 149 -15.07 7.09 10.50
CA GLU A 149 -15.21 5.69 10.10
C GLU A 149 -13.97 4.89 10.39
N TRP A 150 -14.17 3.60 10.67
CA TRP A 150 -13.07 2.64 10.64
C TRP A 150 -13.49 1.53 9.69
N VAL A 151 -12.69 1.30 8.65
CA VAL A 151 -13.07 0.36 7.61
C VAL A 151 -12.04 -0.74 7.47
N ARG A 152 -12.50 -1.97 7.32
CA ARG A 152 -11.64 -3.09 6.96
C ARG A 152 -12.17 -3.67 5.67
N SER A 153 -11.27 -3.93 4.72
CA SER A 153 -11.71 -4.30 3.38
C SER A 153 -10.87 -5.39 2.77
N VAL A 154 -11.46 -6.10 1.82
CA VAL A 154 -10.74 -7.10 1.04
C VAL A 154 -10.85 -6.72 -0.42
N TYR A 155 -9.73 -6.36 -1.02
CA TYR A 155 -9.69 -5.97 -2.43
C TYR A 155 -9.06 -7.10 -3.24
N ARG A 156 -9.65 -7.41 -4.39
CA ARG A 156 -9.15 -8.49 -5.22
C ARG A 156 -7.70 -8.27 -5.65
N GLY A 157 -6.84 -9.22 -5.29
CA GLY A 157 -5.43 -9.16 -5.62
C GLY A 157 -5.14 -9.16 -7.11
N ASP A 158 -6.07 -9.73 -7.87
CA ASP A 158 -5.91 -9.81 -9.33
C ASP A 158 -6.55 -8.63 -10.06
N ARG A 159 -7.12 -7.68 -9.32
CA ARG A 159 -7.80 -6.54 -9.96
C ARG A 159 -7.23 -5.18 -9.56
N TYR A 160 -6.32 -5.16 -8.58
CA TYR A 160 -5.87 -3.89 -8.02
C TYR A 160 -4.37 -3.75 -7.85
N LYS A 161 -3.88 -2.56 -8.17
CA LYS A 161 -2.63 -2.10 -7.58
C LYS A 161 -2.85 -0.68 -7.11
N PHE A 162 -2.15 -0.31 -6.06
CA PHE A 162 -2.28 1.02 -5.49
C PHE A 162 -1.04 1.82 -5.76
N VAL A 163 -1.23 3.11 -5.97
CA VAL A 163 -0.14 3.96 -6.37
C VAL A 163 -0.05 5.17 -5.46
N ALA A 164 1.14 5.43 -4.95
CA ALA A 164 1.37 6.57 -4.09
C ALA A 164 2.45 7.47 -4.68
N ARG A 165 2.31 8.77 -4.45
CA ARG A 165 3.39 9.69 -4.75
C ARG A 165 4.15 10.02 -3.48
N LEU A 166 5.46 9.90 -3.54
CA LEU A 166 6.31 10.17 -2.40
C LEU A 166 7.10 11.42 -2.64
N LYS A 167 7.34 12.17 -1.58
CA LYS A 167 8.12 13.40 -1.62
C LYS A 167 9.20 13.39 -0.55
N ARG A 168 10.38 13.88 -0.90
CA ARG A 168 11.44 14.02 0.08
C ARG A 168 11.78 15.50 0.23
N PRO A 169 11.61 16.03 1.45
CA PRO A 169 11.95 17.44 1.73
C PRO A 169 13.46 17.64 1.86
N LYS B 5 5.41 -7.74 13.30
CA LYS B 5 4.87 -7.27 12.03
C LYS B 5 5.17 -5.78 11.84
N VAL B 6 6.17 -5.49 11.00
CA VAL B 6 6.60 -4.12 10.77
C VAL B 6 5.51 -3.32 10.05
N SER B 7 4.97 -2.33 10.75
CA SER B 7 4.04 -1.38 10.16
C SER B 7 4.80 -0.16 9.66
N GLN B 8 5.21 -0.21 8.39
CA GLN B 8 6.13 0.78 7.83
C GLN B 8 5.40 1.94 7.14
N ALA B 9 5.57 3.14 7.71
CA ALA B 9 4.97 4.33 7.15
C ALA B 9 5.65 4.67 5.83
N LEU B 10 4.86 5.07 4.80
CA LEU B 10 5.27 5.35 3.36
C LEU B 10 5.67 6.88 3.15
N GLN B 11 6.93 7.26 2.80
CA GLN B 11 7.33 8.53 2.25
C GLN B 11 8.66 8.24 1.61
N LEU B 12 9.26 9.25 0.99
CA LEU B 12 10.48 8.97 0.30
C LEU B 12 11.58 8.91 1.35
N THR B 13 11.70 7.74 1.97
CA THR B 13 12.72 7.46 2.96
C THR B 13 13.43 6.18 2.57
N SER B 14 14.64 5.99 3.08
CA SER B 14 15.37 4.78 2.84
C SER B 14 14.93 3.70 3.82
N TYR B 15 15.22 2.46 3.47
CA TYR B 15 14.98 1.33 4.35
C TYR B 15 15.70 1.56 5.67
N THR B 16 16.94 2.02 5.56
CA THR B 16 17.77 2.40 6.70
C THR B 16 17.03 3.39 7.60
N GLU B 17 16.57 4.49 7.02
CA GLU B 17 15.83 5.50 7.78
C GLU B 17 14.57 4.91 8.43
N ASP B 18 13.82 4.14 7.63
CA ASP B 18 12.61 3.49 8.11
C ASP B 18 12.83 2.58 9.30
N MET B 19 13.96 1.87 9.28
CA MET B 19 14.29 0.97 10.38
C MET B 19 14.67 1.74 11.64
N ARG B 20 15.49 2.76 11.47
CA ARG B 20 15.96 3.53 12.62
C ARG B 20 14.81 4.28 13.28
N ALA B 21 13.85 4.73 12.46
CA ALA B 21 12.68 5.43 12.96
C ALA B 21 11.74 4.50 13.73
N GLN B 22 12.07 3.22 13.77
CA GLN B 22 11.28 2.26 14.53
C GLN B 22 12.13 1.51 15.55
N GLY B 23 13.31 2.07 15.86
CA GLY B 23 14.20 1.46 16.83
C GLY B 23 14.86 0.17 16.36
N LEU B 24 14.25 -0.48 15.36
CA LEU B 24 14.80 -1.69 14.76
C LEU B 24 16.15 -1.39 14.12
N GLU B 25 17.07 -2.34 14.16
CA GLU B 25 18.36 -2.14 13.53
C GLU B 25 18.30 -2.57 12.07
N PRO B 26 18.75 -1.69 11.17
CA PRO B 26 18.76 -2.06 9.75
C PRO B 26 19.95 -2.96 9.43
N THR B 27 19.68 -4.15 8.92
CA THR B 27 20.76 -5.01 8.44
C THR B 27 20.39 -5.56 7.08
N SER B 28 21.39 -5.68 6.23
CA SER B 28 21.17 -6.13 4.87
C SER B 28 22.25 -7.11 4.46
N GLN B 29 21.88 -8.06 3.64
CA GLN B 29 22.86 -8.94 3.02
C GLN B 29 22.89 -8.67 1.52
N LEU B 30 24.06 -8.36 0.99
CA LEU B 30 24.19 -8.22 -0.44
C LEU B 30 24.19 -9.59 -1.10
N LEU B 31 23.13 -9.88 -1.85
CA LEU B 31 22.98 -11.18 -2.48
C LEU B 31 23.72 -11.28 -3.80
N ASP B 32 23.62 -10.23 -4.61
CA ASP B 32 24.22 -10.23 -5.93
C ASP B 32 24.30 -8.78 -6.42
N ILE B 33 25.28 -8.49 -7.26
CA ILE B 33 25.31 -7.22 -7.95
C ILE B 33 25.99 -7.45 -9.28
N GLY B 34 25.45 -6.86 -10.33
CA GLY B 34 25.98 -7.07 -11.66
C GLY B 34 25.29 -6.24 -12.72
N TYR B 35 25.79 -6.35 -13.94
CA TYR B 35 25.22 -5.63 -15.08
C TYR B 35 24.21 -6.50 -15.80
N ILE B 36 23.17 -5.85 -16.30
CA ILE B 36 22.21 -6.45 -17.20
C ILE B 36 21.97 -5.47 -18.35
N THR B 37 21.40 -5.97 -19.43
CA THR B 37 21.05 -5.12 -20.55
C THR B 37 19.59 -4.69 -20.43
N ALA B 38 19.32 -3.40 -20.57
CA ALA B 38 17.97 -2.89 -20.41
C ALA B 38 17.10 -3.27 -21.59
N ASP B 39 15.89 -3.75 -21.33
CA ASP B 39 14.90 -3.84 -22.40
C ASP B 39 14.26 -2.45 -22.56
N ASP B 40 13.33 -2.31 -23.50
CA ASP B 40 12.66 -1.04 -23.71
C ASP B 40 12.00 -0.53 -22.44
N ARG B 41 11.40 -1.43 -21.67
CA ARG B 41 10.73 -1.06 -20.43
C ARG B 41 11.70 -0.39 -19.46
N LEU B 42 12.78 -1.10 -19.14
CA LEU B 42 13.72 -0.60 -18.14
C LEU B 42 14.46 0.62 -18.68
N ALA B 43 14.76 0.63 -19.97
CA ALA B 43 15.40 1.77 -20.61
C ALA B 43 14.57 3.03 -20.44
N GLY B 44 13.26 2.90 -20.63
CA GLY B 44 12.34 4.00 -20.42
C GLY B 44 12.35 4.50 -18.98
N LEU B 45 12.31 3.59 -18.03
CA LEU B 45 12.27 3.92 -16.62
C LEU B 45 13.54 4.63 -16.13
N LEU B 46 14.66 4.35 -16.77
CA LEU B 46 15.92 4.93 -16.30
C LEU B 46 16.45 5.99 -17.24
N ASP B 47 15.68 6.30 -18.28
CA ASP B 47 16.07 7.27 -19.31
C ASP B 47 17.45 6.96 -19.87
N ILE B 48 17.63 5.71 -20.29
CA ILE B 48 18.83 5.33 -21.02
C ILE B 48 18.42 4.70 -22.34
N THR B 49 19.41 4.39 -23.19
CA THR B 49 19.12 3.82 -24.50
C THR B 49 18.72 2.35 -24.36
N ALA B 50 17.84 1.90 -25.25
CA ALA B 50 17.24 0.57 -25.18
C ALA B 50 18.20 -0.62 -25.11
N GLY B 51 19.49 -0.38 -25.29
CA GLY B 51 20.45 -1.45 -25.12
C GLY B 51 21.48 -1.18 -24.04
N GLY B 52 21.28 -0.10 -23.29
CA GLY B 52 22.25 0.37 -22.31
C GLY B 52 22.45 -0.53 -21.10
N ARG B 53 23.51 -0.24 -20.36
CA ARG B 53 23.91 -1.08 -19.24
C ARG B 53 23.24 -0.64 -17.94
N VAL B 54 22.60 -1.58 -17.28
CA VAL B 54 21.95 -1.33 -15.99
C VAL B 54 22.68 -2.07 -14.88
N LEU B 55 22.90 -1.39 -13.76
CA LEU B 55 23.35 -2.07 -12.56
C LEU B 55 22.15 -2.63 -11.83
N ARG B 56 22.14 -3.94 -11.62
CA ARG B 56 21.12 -4.57 -10.78
C ARG B 56 21.72 -5.02 -9.46
N ILE B 57 21.11 -4.55 -8.38
CA ILE B 57 21.54 -4.88 -7.03
C ILE B 57 20.48 -5.70 -6.32
N GLU B 58 20.86 -6.86 -5.81
CA GLU B 58 19.95 -7.71 -5.05
C GLU B 58 20.31 -7.74 -3.59
N ARG B 59 19.36 -7.38 -2.72
CA ARG B 59 19.65 -7.32 -1.29
C ARG B 59 18.57 -8.00 -0.46
N LEU B 60 19.02 -8.71 0.58
CA LEU B 60 18.12 -9.24 1.57
C LEU B 60 17.98 -8.25 2.72
N ARG B 61 16.75 -7.83 2.98
CA ARG B 61 16.43 -6.91 4.08
C ARG B 61 15.98 -7.64 5.33
N MET B 62 16.66 -7.37 6.44
CA MET B 62 16.26 -7.97 7.70
C MET B 62 15.78 -6.91 8.68
N ALA B 63 14.62 -7.15 9.27
CA ALA B 63 14.11 -6.29 10.34
C ALA B 63 14.59 -6.88 11.66
N ASN B 64 15.49 -6.16 12.32
CA ASN B 64 16.31 -6.70 13.40
C ASN B 64 17.19 -7.81 12.85
N GLY B 65 16.79 -9.05 13.07
CA GLY B 65 17.56 -10.18 12.56
C GLY B 65 16.83 -11.02 11.53
N GLU B 66 15.49 -10.94 11.55
CA GLU B 66 14.66 -11.80 10.71
C GLU B 66 14.49 -11.24 9.30
N PRO B 67 14.53 -12.13 8.28
CA PRO B 67 14.29 -11.71 6.89
C PRO B 67 12.96 -11.00 6.72
N MET B 68 12.96 -9.88 6.00
CA MET B 68 11.75 -9.13 5.82
C MET B 68 11.41 -9.00 4.33
N ALA B 69 12.43 -8.73 3.53
CA ALA B 69 12.19 -8.47 2.12
C ALA B 69 13.40 -8.74 1.24
N ILE B 70 13.13 -9.00 -0.04
CA ILE B 70 14.16 -9.03 -1.05
C ILE B 70 13.93 -7.82 -1.95
N GLU B 71 14.99 -7.05 -2.15
CA GLU B 71 14.93 -5.76 -2.80
C GLU B 71 15.85 -5.80 -4.01
N THR B 72 15.28 -5.57 -5.18
CA THR B 72 16.04 -5.54 -6.43
C THR B 72 16.06 -4.14 -7.00
N THR B 73 17.25 -3.53 -6.99
CA THR B 73 17.40 -2.14 -7.39
C THR B 73 18.06 -2.02 -8.76
N HIS B 74 17.54 -1.13 -9.61
CA HIS B 74 18.11 -0.90 -10.93
C HIS B 74 18.54 0.54 -11.12
N LEU B 75 19.79 0.76 -11.53
CA LEU B 75 20.30 2.10 -11.82
C LEU B 75 21.06 2.08 -13.13
N SER B 76 21.21 3.25 -13.74
CA SER B 76 22.08 3.39 -14.90
C SER B 76 23.54 3.15 -14.53
N ALA B 77 24.19 2.18 -15.18
CA ALA B 77 25.57 1.86 -14.87
C ALA B 77 26.46 3.05 -15.23
N LYS B 78 26.16 3.68 -16.35
CA LYS B 78 26.95 4.82 -16.82
C LYS B 78 26.98 5.96 -15.81
N ARG B 79 25.85 6.19 -15.17
CA ARG B 79 25.74 7.34 -14.27
C ARG B 79 26.39 7.07 -12.92
N PHE B 80 26.57 5.81 -12.57
CA PHE B 80 27.05 5.50 -11.22
C PHE B 80 28.27 4.58 -11.23
N PRO B 81 29.41 5.11 -11.69
CA PRO B 81 30.66 4.36 -11.63
C PRO B 81 31.01 4.04 -10.19
N ALA B 82 31.52 2.83 -9.97
CA ALA B 82 31.97 2.39 -8.66
C ALA B 82 30.87 2.35 -7.63
N LEU B 83 29.63 2.16 -8.07
CA LEU B 83 28.53 2.07 -7.11
C LEU B 83 28.68 0.88 -6.16
N ARG B 84 29.18 -0.24 -6.66
CA ARG B 84 29.36 -1.41 -5.80
C ARG B 84 30.20 -1.14 -4.55
N ARG B 85 31.40 -0.59 -4.72
CA ARG B 85 32.21 -0.33 -3.53
C ARG B 85 31.64 0.82 -2.72
N SER B 86 30.89 1.70 -3.37
CA SER B 86 30.25 2.79 -2.65
C SER B 86 29.13 2.25 -1.75
N LEU B 87 28.39 1.27 -2.26
CA LEU B 87 27.35 0.65 -1.44
C LEU B 87 27.97 -0.10 -0.27
N VAL B 88 29.10 -0.74 -0.49
CA VAL B 88 29.80 -1.46 0.57
C VAL B 88 30.25 -0.47 1.65
N LYS B 89 30.76 0.67 1.21
CA LYS B 89 31.23 1.71 2.12
C LYS B 89 30.11 2.29 2.99
N TYR B 90 28.93 2.55 2.42
CA TYR B 90 27.93 3.31 3.16
C TYR B 90 26.72 2.51 3.65
N THR B 91 26.57 1.29 3.13
CA THR B 91 25.47 0.37 3.46
C THR B 91 24.13 0.86 2.93
N SER B 92 23.80 2.12 3.19
CA SER B 92 22.58 2.72 2.64
C SER B 92 22.83 3.22 1.22
N LEU B 93 22.03 2.75 0.26
CA LEU B 93 22.15 3.23 -1.10
C LEU B 93 21.88 4.74 -1.16
N TYR B 94 20.89 5.21 -0.40
CA TYR B 94 20.56 6.63 -0.45
C TYR B 94 21.68 7.48 0.12
N THR B 95 22.31 7.00 1.19
CA THR B 95 23.51 7.68 1.72
C THR B 95 24.64 7.70 0.68
N ALA B 96 24.91 6.57 0.05
CA ALA B 96 25.92 6.52 -1.00
C ALA B 96 25.60 7.51 -2.12
N LEU B 97 24.35 7.56 -2.55
CA LEU B 97 23.97 8.46 -3.63
C LEU B 97 24.29 9.90 -3.30
N ALA B 98 23.96 10.30 -2.07
CA ALA B 98 24.15 11.69 -1.65
C ALA B 98 25.64 11.98 -1.43
N GLU B 99 26.31 11.13 -0.67
CA GLU B 99 27.70 11.40 -0.30
C GLU B 99 28.68 11.26 -1.46
N VAL B 100 28.46 10.26 -2.32
CA VAL B 100 29.43 9.93 -3.34
C VAL B 100 29.14 10.62 -4.67
N TYR B 101 27.85 10.75 -5.01
CA TYR B 101 27.46 11.25 -6.32
C TYR B 101 26.73 12.59 -6.31
N ASP B 102 26.48 13.13 -5.12
CA ASP B 102 25.69 14.36 -4.94
C ASP B 102 24.35 14.22 -5.64
N VAL B 103 23.76 13.03 -5.51
CA VAL B 103 22.45 12.75 -6.05
C VAL B 103 21.45 12.67 -4.91
N HIS B 104 20.39 13.47 -5.01
CA HIS B 104 19.41 13.59 -3.93
C HIS B 104 18.02 13.34 -4.46
N LEU B 105 17.30 12.41 -3.86
CA LEU B 105 15.98 12.07 -4.35
C LEU B 105 14.96 13.13 -3.95
N ALA B 106 14.06 13.46 -4.88
CA ALA B 106 13.07 14.52 -4.68
C ALA B 106 11.67 13.96 -4.63
N GLU B 107 11.39 13.01 -5.51
CA GLU B 107 10.06 12.41 -5.52
C GLU B 107 10.08 11.02 -6.15
N ALA B 108 9.03 10.26 -5.89
CA ALA B 108 8.97 8.89 -6.38
C ALA B 108 7.54 8.46 -6.55
N GLU B 109 7.31 7.53 -7.46
CA GLU B 109 6.02 6.86 -7.56
C GLU B 109 6.18 5.45 -7.02
N GLU B 110 5.33 5.09 -6.07
CA GLU B 110 5.42 3.76 -5.47
C GLU B 110 4.17 2.97 -5.78
N THR B 111 4.35 1.75 -6.30
CA THR B 111 3.21 0.91 -6.60
C THR B 111 3.16 -0.20 -5.58
N ILE B 112 1.96 -0.50 -5.09
CA ILE B 112 1.79 -1.55 -4.12
C ILE B 112 0.84 -2.59 -4.66
N GLU B 113 1.26 -3.85 -4.65
CA GLU B 113 0.38 -4.89 -5.16
C GLU B 113 0.74 -6.21 -4.51
N THR B 114 0.02 -7.26 -4.88
CA THR B 114 0.27 -8.53 -4.27
C THR B 114 0.95 -9.48 -5.26
N SER B 115 1.64 -10.47 -4.72
CA SER B 115 2.19 -11.54 -5.51
C SER B 115 2.37 -12.78 -4.65
N LEU B 116 2.94 -13.82 -5.23
CA LEU B 116 3.24 -15.08 -4.55
C LEU B 116 4.75 -15.24 -4.40
N ALA B 117 5.18 -15.87 -3.32
CA ALA B 117 6.59 -16.12 -3.12
C ALA B 117 7.09 -17.18 -4.09
N THR B 118 8.15 -16.86 -4.82
CA THR B 118 8.83 -17.85 -5.65
C THR B 118 9.72 -18.76 -4.80
N PRO B 119 10.18 -19.89 -5.38
CA PRO B 119 11.09 -20.76 -4.63
C PRO B 119 12.35 -20.05 -4.16
N ARG B 120 12.94 -19.22 -5.00
CA ARG B 120 14.14 -18.49 -4.62
C ARG B 120 13.84 -17.56 -3.44
N GLU B 121 12.72 -16.87 -3.52
CA GLU B 121 12.32 -15.95 -2.46
C GLU B 121 11.96 -16.65 -1.18
N ALA B 122 11.21 -17.75 -1.28
CA ALA B 122 10.84 -18.53 -0.10
C ALA B 122 12.09 -19.02 0.62
N GLY B 123 13.09 -19.43 -0.14
CA GLY B 123 14.33 -19.91 0.42
C GLY B 123 15.07 -18.83 1.17
N LEU B 124 15.19 -17.68 0.53
CA LEU B 124 15.89 -16.55 1.13
C LEU B 124 15.16 -15.94 2.33
N LEU B 125 13.83 -15.97 2.31
CA LEU B 125 13.02 -15.28 3.32
C LEU B 125 12.50 -16.21 4.41
N GLY B 126 12.90 -17.48 4.32
CA GLY B 126 12.51 -18.48 5.31
C GLY B 126 11.01 -18.70 5.38
N THR B 127 10.36 -18.70 4.22
CA THR B 127 8.91 -18.87 4.15
C THR B 127 8.55 -19.98 3.18
N ASP B 128 7.26 -20.14 2.88
CA ASP B 128 6.80 -21.17 1.95
C ASP B 128 6.54 -20.64 0.54
N VAL B 129 6.80 -21.48 -0.45
CA VAL B 129 6.47 -21.13 -1.82
C VAL B 129 4.96 -20.91 -1.94
N GLY B 130 4.57 -19.86 -2.69
CA GLY B 130 3.19 -19.64 -3.06
C GLY B 130 2.30 -18.96 -2.03
N LEU B 131 2.90 -18.37 -1.00
CA LEU B 131 2.09 -17.62 -0.03
C LEU B 131 2.20 -16.13 -0.32
N PRO B 132 1.21 -15.34 0.14
CA PRO B 132 1.10 -13.94 -0.27
C PRO B 132 2.28 -13.09 0.15
N MET B 133 2.71 -12.26 -0.79
CA MET B 133 3.79 -11.33 -0.57
C MET B 133 3.31 -9.97 -1.00
N LEU B 134 3.78 -8.93 -0.30
CA LEU B 134 3.47 -7.59 -0.74
C LEU B 134 4.60 -7.10 -1.64
N MET B 135 4.23 -6.66 -2.83
CA MET B 135 5.22 -6.23 -3.81
C MET B 135 5.15 -4.74 -4.03
N LEU B 136 6.26 -4.07 -3.72
CA LEU B 136 6.37 -2.63 -3.88
C LEU B 136 7.33 -2.32 -5.01
N SER B 137 6.94 -1.42 -5.90
CA SER B 137 7.84 -0.97 -6.96
C SER B 137 8.01 0.53 -6.84
N ARG B 138 9.25 0.99 -6.76
CA ARG B 138 9.48 2.42 -6.58
C ARG B 138 10.25 2.99 -7.76
N HIS B 139 9.74 4.08 -8.30
CA HIS B 139 10.41 4.78 -9.41
C HIS B 139 10.77 6.16 -8.92
N SER B 140 12.06 6.45 -8.72
CA SER B 140 12.44 7.69 -8.03
C SER B 140 13.20 8.63 -8.94
N GLN B 141 12.97 9.92 -8.79
CA GLN B 141 13.73 10.89 -9.56
C GLN B 141 14.44 11.85 -8.64
N ASP B 142 15.55 12.42 -9.12
CA ASP B 142 16.37 13.31 -8.31
C ASP B 142 15.95 14.76 -8.48
N ARG B 143 16.71 15.65 -7.86
CA ARG B 143 16.33 17.07 -7.83
CA ARG B 143 16.39 17.09 -7.82
C ARG B 143 16.59 17.77 -9.16
N THR B 144 17.19 17.05 -10.10
CA THR B 144 17.37 17.56 -11.45
C THR B 144 16.27 17.05 -12.38
N GLY B 145 15.36 16.26 -11.83
CA GLY B 145 14.27 15.67 -12.61
C GLY B 145 14.58 14.34 -13.30
N GLN B 146 15.81 13.85 -13.14
CA GLN B 146 16.19 12.60 -13.78
C GLN B 146 15.77 11.40 -12.94
N PRO B 147 15.28 10.35 -13.60
CA PRO B 147 15.07 9.10 -12.85
C PRO B 147 16.40 8.57 -12.33
N VAL B 148 16.39 8.03 -11.13
CA VAL B 148 17.61 7.51 -10.53
C VAL B 148 17.53 6.01 -10.34
N GLU B 149 16.39 5.54 -9.83
CA GLU B 149 16.27 4.11 -9.52
C GLU B 149 14.94 3.56 -9.95
N TRP B 150 14.93 2.28 -10.31
CA TRP B 150 13.66 1.56 -10.37
C TRP B 150 13.86 0.34 -9.51
N VAL B 151 13.04 0.21 -8.47
CA VAL B 151 13.24 -0.79 -7.44
C VAL B 151 12.01 -1.67 -7.32
N ARG B 152 12.24 -2.97 -7.20
CA ARG B 152 11.15 -3.87 -6.93
C ARG B 152 11.46 -4.67 -5.68
N SER B 153 10.56 -4.62 -4.70
CA SER B 153 10.80 -5.27 -3.41
C SER B 153 9.66 -6.23 -3.11
N VAL B 154 10.00 -7.41 -2.62
CA VAL B 154 8.97 -8.34 -2.24
CA VAL B 154 8.99 -8.37 -2.24
C VAL B 154 9.06 -8.57 -0.73
N TYR B 155 7.97 -8.25 -0.04
CA TYR B 155 7.89 -8.37 1.42
C TYR B 155 7.07 -9.57 1.87
N ARG B 156 7.49 -10.20 2.97
CA ARG B 156 6.68 -11.27 3.56
C ARG B 156 5.31 -10.74 3.93
N GLY B 157 4.27 -11.35 3.38
CA GLY B 157 2.92 -10.85 3.59
C GLY B 157 2.54 -10.92 5.06
N ASP B 158 3.11 -11.88 5.77
CA ASP B 158 2.75 -12.07 7.16
C ASP B 158 3.54 -11.17 8.13
N ARG B 159 4.46 -10.36 7.62
CA ARG B 159 5.32 -9.55 8.48
C ARG B 159 5.33 -8.05 8.16
N TYR B 160 4.71 -7.66 7.05
CA TYR B 160 4.83 -6.28 6.60
C TYR B 160 3.47 -5.62 6.38
N LYS B 161 3.41 -4.33 6.70
CA LYS B 161 2.21 -3.53 6.56
C LYS B 161 2.60 -2.16 6.02
N PHE B 162 1.96 -1.74 4.93
CA PHE B 162 2.20 -0.43 4.33
C PHE B 162 1.26 0.58 4.95
N VAL B 163 1.78 1.72 5.44
CA VAL B 163 0.91 2.73 6.03
C VAL B 163 1.01 4.06 5.31
N ALA B 164 -0.15 4.65 4.99
CA ALA B 164 -0.19 5.92 4.28
C ALA B 164 -1.13 6.92 4.94
N ARG B 165 -0.67 8.15 5.08
CA ARG B 165 -1.56 9.22 5.53
C ARG B 165 -2.20 9.91 4.33
N LEU B 166 -3.53 9.97 4.33
CA LEU B 166 -4.29 10.53 3.22
C LEU B 166 -4.89 11.86 3.61
N LYS B 167 -4.90 12.80 2.66
CA LYS B 167 -5.45 14.12 2.88
C LYS B 167 -6.35 14.48 1.71
N ARG B 168 -7.42 15.21 1.97
CA ARG B 168 -8.32 15.60 0.88
C ARG B 168 -8.24 17.09 0.58
#